data_3BLF
#
_entry.id   3BLF
#
_cell.length_a   85.137
_cell.length_b   85.137
_cell.length_c   116.060
_cell.angle_alpha   90.000
_cell.angle_beta   90.000
_cell.angle_gamma   120.000
#
_symmetry.space_group_name_H-M   'P 31 2 1'
#
loop_
_entity.id
_entity.type
_entity.pdbx_description
1 polymer 'Citramalate synthase from Leptospira interrogans'
2 non-polymer 'ZINC ION'
3 non-polymer 'PYRUVIC ACID'
4 water water
#
_entity_poly.entity_id   1
_entity_poly.type   'polypeptide(L)'
_entity_poly.pdbx_seq_one_letter_code
;GSHMGRSQKVSQMTKVETRLEILDVTLRDGEQTRGVSFSTSEKLNIAKFLLQKLNVDRVEIASARVSKGELETVQKIMEW
AATEQLTERIEILGFVDGNKTVDWIKDSGAKVLNLLTKGSLHHLEKQLGKTPKEFFTDVSFVIEYAIKSGLKINVYLEDW
SNGFRNSPDYVKSLVEHLSKEHIERIFLPDTLGVLSPEETFQGVDSLIQKYPDIHFEFHGHNDYDLSVANSLQAIRAGVK
GLHASINGLGERAGNTPLEALVTTIHDKSNSKTNINEIAITEASRLVEVFSGKRISANRPIVGEDVFTQTAGVHADGDKK
GNLYANPILPERFGRKR
;
_entity_poly.pdbx_strand_id   A
#
loop_
_chem_comp.id
_chem_comp.type
_chem_comp.name
_chem_comp.formula
PYR non-polymer 'PYRUVIC ACID' 'C3 H4 O3'
ZN non-polymer 'ZINC ION' 'Zn 2'
#
# COMPACT_ATOMS: atom_id res chain seq x y z
N ARG A 19 1.09 -13.96 10.50
CA ARG A 19 2.13 -12.90 10.56
C ARG A 19 2.25 -12.15 9.24
N LEU A 20 1.29 -11.25 8.98
CA LEU A 20 1.26 -10.47 7.75
C LEU A 20 1.91 -9.11 7.89
N GLU A 21 2.45 -8.61 6.80
CA GLU A 21 3.07 -7.28 6.79
C GLU A 21 2.01 -6.28 6.39
N ILE A 22 2.01 -5.12 7.03
CA ILE A 22 1.03 -4.09 6.71
C ILE A 22 1.81 -2.92 6.15
N LEU A 23 1.43 -2.48 4.95
CA LEU A 23 2.09 -1.35 4.30
C LEU A 23 1.15 -0.15 4.27
N ASP A 24 1.51 0.93 4.96
CA ASP A 24 0.65 2.10 4.95
C ASP A 24 0.94 3.00 3.76
N VAL A 25 -0.11 3.36 3.03
CA VAL A 25 0.03 4.17 1.84
C VAL A 25 -0.62 5.54 2.04
N THR A 26 -0.96 5.82 3.28
CA THR A 26 -1.62 7.06 3.65
C THR A 26 -0.93 8.32 3.18
N LEU A 27 0.38 8.36 3.26
CA LEU A 27 1.11 9.56 2.86
C LEU A 27 1.25 9.78 1.38
N ARG A 28 1.18 8.70 0.60
CA ARG A 28 1.31 8.80 -0.86
C ARG A 28 -0.03 8.60 -1.58
N ASP A 29 -0.60 7.40 -1.51
CA ASP A 29 -1.89 7.17 -2.17
C ASP A 29 -2.93 8.10 -1.54
N GLY A 30 -2.83 8.28 -0.22
CA GLY A 30 -3.76 9.15 0.48
C GLY A 30 -3.56 10.59 0.05
N GLU A 31 -2.33 10.96 -0.27
CA GLU A 31 -1.96 12.30 -0.70
C GLU A 31 -2.74 12.67 -1.96
N GLN A 32 -3.06 11.65 -2.76
CA GLN A 32 -3.77 11.84 -4.03
C GLN A 32 -5.21 12.31 -3.87
N THR A 33 -5.79 12.12 -2.70
CA THR A 33 -7.15 12.54 -2.42
C THR A 33 -7.33 14.04 -2.71
N ARG A 34 -8.51 14.42 -3.18
CA ARG A 34 -8.80 15.81 -3.49
C ARG A 34 -8.66 16.70 -2.24
N GLY A 35 -8.03 17.85 -2.40
CA GLY A 35 -7.87 18.77 -1.28
C GLY A 35 -6.90 18.35 -0.19
N VAL A 36 -6.11 17.33 -0.46
CA VAL A 36 -5.14 16.86 0.51
C VAL A 36 -3.72 17.07 0.03
N SER A 37 -2.92 17.75 0.84
CA SER A 37 -1.51 17.97 0.52
C SER A 37 -0.80 18.10 1.85
N PHE A 38 0.01 17.11 2.19
CA PHE A 38 0.72 17.14 3.45
C PHE A 38 1.99 17.98 3.41
N SER A 39 2.20 18.74 4.48
CA SER A 39 3.38 19.60 4.59
C SER A 39 4.52 18.68 5.03
N THR A 40 5.75 19.16 4.88
CA THR A 40 6.90 18.34 5.26
C THR A 40 6.79 17.96 6.72
N SER A 41 6.47 18.94 7.58
CA SER A 41 6.31 18.66 9.01
C SER A 41 5.21 17.62 9.22
N GLU A 42 4.15 17.74 8.43
CA GLU A 42 3.03 16.81 8.51
C GLU A 42 3.46 15.40 8.12
N LYS A 43 4.23 15.26 7.04
CA LYS A 43 4.67 13.93 6.63
C LYS A 43 5.64 13.31 7.62
N LEU A 44 6.53 14.13 8.16
CA LEU A 44 7.50 13.63 9.12
C LEU A 44 6.75 13.11 10.34
N ASN A 45 5.85 13.94 10.87
CA ASN A 45 5.07 13.58 12.05
C ASN A 45 4.28 12.29 11.84
N ILE A 46 3.53 12.24 10.74
CA ILE A 46 2.73 11.06 10.42
C ILE A 46 3.58 9.82 10.19
N ALA A 47 4.70 9.97 9.50
CA ALA A 47 5.57 8.83 9.26
C ALA A 47 6.10 8.27 10.59
N LYS A 48 6.58 9.17 11.45
CA LYS A 48 7.12 8.79 12.75
C LYS A 48 6.10 8.01 13.57
N PHE A 49 4.88 8.54 13.61
CA PHE A 49 3.84 7.88 14.38
C PHE A 49 3.51 6.48 13.88
N LEU A 50 3.35 6.33 12.58
CA LEU A 50 3.01 5.05 11.98
C LEU A 50 4.07 3.97 12.18
N LEU A 51 5.34 4.38 12.03
CA LEU A 51 6.43 3.43 12.17
C LEU A 51 6.73 3.12 13.62
N GLN A 52 6.77 4.16 14.44
CA GLN A 52 7.10 3.99 15.85
C GLN A 52 5.98 3.61 16.81
N LYS A 53 4.83 4.29 16.71
CA LYS A 53 3.71 4.00 17.61
C LYS A 53 2.68 2.98 17.15
N LEU A 54 2.26 3.06 15.90
CA LEU A 54 1.26 2.12 15.39
C LEU A 54 1.98 0.84 15.03
N ASN A 55 3.28 0.98 14.81
CA ASN A 55 4.16 -0.11 14.42
C ASN A 55 3.74 -0.76 13.11
N VAL A 56 3.57 0.07 12.10
CA VAL A 56 3.24 -0.41 10.77
C VAL A 56 4.60 -0.83 10.19
N ASP A 57 4.66 -2.00 9.57
CA ASP A 57 5.92 -2.48 9.00
C ASP A 57 6.65 -1.51 8.09
N ARG A 58 5.96 -0.97 7.10
CA ARG A 58 6.59 -0.05 6.18
C ARG A 58 5.66 1.10 5.86
N VAL A 59 6.19 2.13 5.21
CA VAL A 59 5.34 3.25 4.85
C VAL A 59 5.75 3.76 3.46
N GLU A 60 4.74 3.99 2.63
CA GLU A 60 4.95 4.49 1.28
C GLU A 60 4.66 5.97 1.35
N ILE A 61 5.71 6.75 1.52
CA ILE A 61 5.58 8.17 1.71
C ILE A 61 5.40 9.10 0.51
N ALA A 62 5.81 8.69 -0.68
CA ALA A 62 5.65 9.59 -1.81
C ALA A 62 5.88 8.98 -3.18
N SER A 63 5.64 9.79 -4.21
CA SER A 63 5.83 9.38 -5.59
C SER A 63 7.05 10.12 -6.15
N ALA A 64 7.90 9.40 -6.88
CA ALA A 64 9.11 9.99 -7.44
C ALA A 64 8.80 11.02 -8.52
N ARG A 65 9.66 12.03 -8.65
CA ARG A 65 9.55 13.08 -9.66
C ARG A 65 8.34 13.96 -9.39
N VAL A 66 7.72 13.70 -8.29
CA VAL A 66 6.85 14.82 -7.95
C VAL A 66 7.65 16.11 -7.82
N SER A 67 7.13 17.28 -8.10
CA SER A 67 7.80 18.58 -8.03
C SER A 67 8.68 18.67 -6.79
N LYS A 68 9.96 18.89 -7.04
CA LYS A 68 10.87 19.01 -5.91
C LYS A 68 10.23 19.81 -4.78
N GLY A 69 10.83 19.77 -3.54
CA GLY A 69 10.10 20.01 -2.32
C GLY A 69 9.66 18.64 -1.82
N GLU A 70 8.93 17.91 -2.66
CA GLU A 70 8.50 16.58 -2.29
C GLU A 70 9.80 15.80 -2.11
N LEU A 71 10.81 16.18 -2.88
CA LEU A 71 12.12 15.54 -2.81
C LEU A 71 12.74 15.91 -1.45
N GLU A 72 12.64 17.17 -1.09
CA GLU A 72 13.18 17.64 0.19
C GLU A 72 12.51 16.91 1.35
N THR A 73 11.18 16.77 1.29
CA THR A 73 10.45 16.07 2.33
C THR A 73 11.06 14.70 2.55
N VAL A 74 11.12 13.91 1.48
CA VAL A 74 11.66 12.55 1.59
C VAL A 74 13.05 12.56 2.19
N GLN A 75 13.86 13.55 1.79
CA GLN A 75 15.22 13.66 2.28
C GLN A 75 15.26 13.84 3.79
N LYS A 76 14.40 14.73 4.29
CA LYS A 76 14.33 14.97 5.73
C LYS A 76 13.86 13.70 6.43
N ILE A 77 12.80 13.08 5.92
CA ILE A 77 12.31 11.84 6.53
C ILE A 77 13.39 10.75 6.52
N MET A 78 14.15 10.70 5.43
CA MET A 78 15.22 9.71 5.32
C MET A 78 16.32 10.02 6.31
N GLU A 79 16.61 11.31 6.48
CA GLU A 79 17.64 11.75 7.43
C GLU A 79 17.24 11.27 8.81
N TRP A 80 15.97 11.44 9.17
CA TRP A 80 15.47 10.99 10.46
C TRP A 80 15.50 9.46 10.53
N ALA A 81 14.86 8.82 9.57
CA ALA A 81 14.79 7.35 9.53
C ALA A 81 16.15 6.71 9.77
N ALA A 82 17.20 7.35 9.27
CA ALA A 82 18.56 6.84 9.45
C ALA A 82 18.83 6.74 10.95
N THR A 83 18.51 7.82 11.66
CA THR A 83 18.68 7.91 13.10
C THR A 83 18.08 6.72 13.83
N GLU A 84 16.81 6.43 13.56
CA GLU A 84 16.12 5.33 14.24
C GLU A 84 16.44 3.95 13.71
N GLN A 85 17.43 3.86 12.82
CA GLN A 85 17.82 2.57 12.25
C GLN A 85 16.68 1.88 11.51
N LEU A 86 16.01 2.60 10.62
CA LEU A 86 14.93 1.99 9.87
C LEU A 86 14.64 2.70 8.54
N THR A 87 15.69 2.80 7.72
CA THR A 87 15.58 3.44 6.41
C THR A 87 14.98 2.45 5.40
N GLU A 88 15.11 1.16 5.67
CA GLU A 88 14.59 0.13 4.78
C GLU A 88 13.07 -0.02 4.87
N ARG A 89 12.46 0.67 5.83
CA ARG A 89 11.01 0.61 6.01
C ARG A 89 10.26 1.67 5.20
N ILE A 90 10.99 2.57 4.57
CA ILE A 90 10.36 3.63 3.77
C ILE A 90 10.36 3.28 2.29
N GLU A 91 9.22 3.44 1.64
CA GLU A 91 9.10 3.10 0.22
C GLU A 91 8.56 4.25 -0.60
N ILE A 92 8.99 4.30 -1.87
CA ILE A 92 8.62 5.39 -2.78
C ILE A 92 7.97 4.95 -4.09
N LEU A 93 6.73 5.32 -4.35
CA LEU A 93 6.11 4.94 -5.62
C LEU A 93 6.97 5.44 -6.79
N GLY A 94 7.35 4.54 -7.68
CA GLY A 94 8.16 4.91 -8.83
C GLY A 94 7.59 4.45 -10.17
N PHE A 95 8.12 4.97 -11.27
CA PHE A 95 7.62 4.61 -12.59
C PHE A 95 8.62 4.01 -13.57
N VAL A 96 8.10 3.45 -14.66
CA VAL A 96 8.94 2.86 -15.72
C VAL A 96 9.34 4.01 -16.64
N ASP A 97 10.44 4.67 -16.34
CA ASP A 97 10.86 5.81 -17.13
C ASP A 97 12.37 5.80 -17.40
N GLY A 98 12.97 4.63 -17.27
CA GLY A 98 14.39 4.52 -17.51
C GLY A 98 15.25 4.88 -16.33
N ASN A 99 15.82 6.07 -16.35
CA ASN A 99 16.71 6.50 -15.28
C ASN A 99 16.10 7.53 -14.32
N LYS A 100 15.16 8.32 -14.82
CA LYS A 100 14.54 9.38 -14.03
C LYS A 100 14.02 9.00 -12.63
N THR A 101 13.17 7.99 -12.54
CA THR A 101 12.68 7.59 -11.25
C THR A 101 13.82 7.16 -10.32
N VAL A 102 14.65 6.23 -10.76
CA VAL A 102 15.75 5.75 -9.92
C VAL A 102 16.73 6.85 -9.48
N ASP A 103 16.89 7.88 -10.31
CA ASP A 103 17.80 8.96 -9.95
C ASP A 103 17.20 9.75 -8.81
N TRP A 104 15.92 10.10 -8.97
CA TRP A 104 15.19 10.85 -7.98
C TRP A 104 15.21 10.14 -6.63
N ILE A 105 14.97 8.84 -6.61
CA ILE A 105 14.98 8.11 -5.36
C ILE A 105 16.38 7.98 -4.78
N LYS A 106 17.37 7.92 -5.67
CA LYS A 106 18.76 7.83 -5.22
C LYS A 106 19.06 9.11 -4.46
N ASP A 107 18.63 10.24 -5.02
CA ASP A 107 18.82 11.56 -4.43
C ASP A 107 18.04 11.72 -3.13
N SER A 108 16.81 11.24 -3.12
CA SER A 108 15.93 11.34 -1.96
C SER A 108 16.56 10.78 -0.69
N GLY A 109 17.33 9.72 -0.86
CA GLY A 109 17.94 9.07 0.28
C GLY A 109 17.22 7.77 0.55
N ALA A 110 16.04 7.63 -0.07
CA ALA A 110 15.22 6.42 0.07
C ALA A 110 15.95 5.20 -0.50
N LYS A 111 15.63 4.03 0.05
CA LYS A 111 16.25 2.79 -0.35
C LYS A 111 15.31 1.77 -0.98
N VAL A 112 14.04 2.11 -1.15
CA VAL A 112 13.11 1.13 -1.74
C VAL A 112 12.23 1.75 -2.79
N LEU A 113 11.99 0.99 -3.86
CA LEU A 113 11.20 1.47 -4.99
C LEU A 113 9.68 1.31 -5.02
N ASN A 114 9.19 0.14 -5.40
CA ASN A 114 7.73 -0.04 -5.55
C ASN A 114 7.45 0.52 -6.94
N LEU A 115 7.84 -0.24 -7.95
CA LEU A 115 7.69 0.14 -9.35
C LEU A 115 6.25 -0.03 -9.85
N LEU A 116 5.74 1.00 -10.51
CA LEU A 116 4.39 0.98 -11.05
C LEU A 116 4.42 0.41 -12.47
N THR A 117 3.99 -0.85 -12.64
CA THR A 117 3.96 -1.46 -13.96
C THR A 117 2.51 -1.74 -14.36
N LYS A 118 2.23 -1.77 -15.66
CA LYS A 118 0.88 -2.05 -16.15
C LYS A 118 0.52 -3.52 -15.96
N GLY A 119 -0.51 -3.77 -15.16
CA GLY A 119 -0.95 -5.13 -14.88
C GLY A 119 -2.11 -5.66 -15.72
N SER A 120 -2.49 -4.91 -16.74
CA SER A 120 -3.57 -5.34 -17.62
C SER A 120 -3.20 -5.01 -19.06
N LEU A 121 -3.41 -5.97 -19.95
CA LEU A 121 -3.09 -5.78 -21.36
C LEU A 121 -3.78 -4.52 -21.86
N HIS A 122 -5.00 -4.27 -21.38
CA HIS A 122 -5.73 -3.08 -21.80
C HIS A 122 -4.98 -1.80 -21.45
N HIS A 123 -4.49 -1.72 -20.21
CA HIS A 123 -3.76 -0.54 -19.76
C HIS A 123 -2.45 -0.34 -20.55
N LEU A 124 -1.69 -1.42 -20.69
CA LEU A 124 -0.43 -1.39 -21.41
C LEU A 124 -0.53 -0.77 -22.79
N GLU A 125 -1.62 -1.04 -23.49
CA GLU A 125 -1.79 -0.52 -24.82
C GLU A 125 -2.38 0.88 -24.90
N LYS A 126 -3.41 1.15 -24.12
CA LYS A 126 -4.04 2.46 -24.17
C LYS A 126 -3.21 3.57 -23.55
N GLN A 127 -2.13 3.21 -22.88
CA GLN A 127 -1.29 4.22 -22.23
C GLN A 127 0.16 4.24 -22.73
N LEU A 128 0.65 3.11 -23.23
CA LEU A 128 2.01 3.03 -23.71
C LEU A 128 2.06 2.63 -25.19
N GLY A 129 1.22 1.69 -25.57
CA GLY A 129 1.20 1.22 -26.94
C GLY A 129 2.44 0.41 -27.23
N LYS A 130 2.82 -0.45 -26.30
CA LYS A 130 4.00 -1.28 -26.48
C LYS A 130 3.64 -2.75 -26.41
N THR A 131 4.58 -3.58 -26.83
CA THR A 131 4.39 -5.03 -26.82
C THR A 131 4.75 -5.56 -25.45
N PRO A 132 4.10 -6.63 -25.02
CA PRO A 132 4.45 -7.16 -23.70
C PRO A 132 5.98 -7.27 -23.58
N LYS A 133 6.63 -7.84 -24.59
CA LYS A 133 8.09 -7.98 -24.59
C LYS A 133 8.79 -6.63 -24.67
N GLU A 134 8.18 -5.71 -25.39
CA GLU A 134 8.72 -4.37 -25.57
C GLU A 134 8.79 -3.70 -24.19
N PHE A 135 7.64 -3.68 -23.51
CA PHE A 135 7.52 -3.09 -22.19
C PHE A 135 8.31 -3.87 -21.13
N PHE A 136 8.32 -5.19 -21.23
CA PHE A 136 9.06 -6.00 -20.25
C PHE A 136 10.54 -5.65 -20.28
N THR A 137 11.00 -5.07 -21.39
CA THR A 137 12.40 -4.67 -21.53
C THR A 137 12.63 -3.40 -20.73
N ASP A 138 11.72 -2.43 -20.85
CA ASP A 138 11.83 -1.19 -20.08
C ASP A 138 11.83 -1.53 -18.59
N VAL A 139 11.01 -2.50 -18.20
CA VAL A 139 10.90 -2.91 -16.80
C VAL A 139 12.21 -3.51 -16.31
N SER A 140 12.76 -4.46 -17.06
CA SER A 140 14.02 -5.07 -16.66
C SER A 140 15.15 -4.05 -16.52
N PHE A 141 15.13 -3.00 -17.33
CA PHE A 141 16.16 -1.98 -17.25
C PHE A 141 16.05 -1.15 -15.98
N VAL A 142 14.84 -0.71 -15.64
CA VAL A 142 14.63 0.09 -14.45
C VAL A 142 14.94 -0.72 -13.20
N ILE A 143 14.57 -2.00 -13.19
CA ILE A 143 14.86 -2.84 -12.03
C ILE A 143 16.36 -3.03 -11.89
N GLU A 144 17.00 -3.23 -13.04
CA GLU A 144 18.45 -3.42 -13.12
C GLU A 144 19.17 -2.16 -12.62
N TYR A 145 18.84 -1.03 -13.21
CA TYR A 145 19.43 0.25 -12.85
C TYR A 145 19.20 0.59 -11.37
N ALA A 146 18.03 0.22 -10.86
CA ALA A 146 17.69 0.48 -9.45
C ALA A 146 18.61 -0.34 -8.57
N ILE A 147 18.73 -1.63 -8.87
CA ILE A 147 19.61 -2.51 -8.09
C ILE A 147 21.03 -1.97 -8.20
N LYS A 148 21.38 -1.52 -9.40
CA LYS A 148 22.71 -0.97 -9.65
C LYS A 148 22.92 0.25 -8.76
N SER A 149 21.85 1.02 -8.54
CA SER A 149 21.92 2.22 -7.72
C SER A 149 21.71 1.98 -6.22
N GLY A 150 21.75 0.72 -5.79
CA GLY A 150 21.58 0.43 -4.38
C GLY A 150 20.17 0.33 -3.81
N LEU A 151 19.15 0.33 -4.66
CA LEU A 151 17.78 0.22 -4.19
C LEU A 151 17.27 -1.22 -4.17
N LYS A 152 16.08 -1.39 -3.62
CA LYS A 152 15.41 -2.69 -3.59
C LYS A 152 14.12 -2.41 -4.32
N ILE A 153 13.52 -3.41 -4.96
CA ILE A 153 12.32 -3.12 -5.73
C ILE A 153 11.09 -3.97 -5.43
N ASN A 154 9.95 -3.30 -5.30
CA ASN A 154 8.66 -3.96 -5.10
C ASN A 154 7.92 -3.61 -6.37
N VAL A 155 7.10 -4.53 -6.88
CA VAL A 155 6.40 -4.21 -8.10
C VAL A 155 4.87 -4.25 -8.04
N TYR A 156 4.27 -3.14 -8.46
CA TYR A 156 2.82 -3.00 -8.52
C TYR A 156 2.37 -3.51 -9.88
N LEU A 157 1.31 -4.31 -9.90
CA LEU A 157 0.75 -4.77 -11.17
C LEU A 157 -0.51 -3.93 -11.32
N GLU A 158 -0.32 -2.65 -11.60
CA GLU A 158 -1.43 -1.71 -11.73
C GLU A 158 -2.58 -2.30 -12.55
N ASP A 159 -3.81 -2.05 -12.11
CA ASP A 159 -5.01 -2.52 -12.78
C ASP A 159 -5.10 -4.05 -12.86
N TRP A 160 -4.40 -4.74 -11.96
CA TRP A 160 -4.40 -6.18 -11.93
C TRP A 160 -5.79 -6.78 -11.73
N SER A 161 -6.65 -6.08 -11.01
CA SER A 161 -8.01 -6.57 -10.76
C SER A 161 -8.77 -6.73 -12.08
N ASN A 162 -8.37 -5.97 -13.10
CA ASN A 162 -9.01 -6.09 -14.40
C ASN A 162 -8.11 -6.94 -15.30
N GLY A 163 -6.84 -7.03 -14.92
CA GLY A 163 -5.88 -7.80 -15.69
C GLY A 163 -6.10 -9.30 -15.66
N PHE A 164 -6.21 -9.90 -14.47
CA PHE A 164 -6.39 -11.34 -14.41
C PHE A 164 -7.78 -11.80 -14.83
N ARG A 165 -8.70 -10.87 -14.99
CA ARG A 165 -10.05 -11.23 -15.39
C ARG A 165 -10.29 -11.01 -16.88
N ASN A 166 -9.55 -10.10 -17.48
CA ASN A 166 -9.70 -9.79 -18.90
C ASN A 166 -8.53 -10.24 -19.80
N SER A 167 -7.31 -10.07 -19.32
CA SER A 167 -6.14 -10.47 -20.08
C SER A 167 -5.21 -11.27 -19.19
N PRO A 168 -5.72 -12.37 -18.61
CA PRO A 168 -4.95 -13.25 -17.72
C PRO A 168 -3.65 -13.76 -18.34
N ASP A 169 -3.59 -13.84 -19.66
CA ASP A 169 -2.35 -14.28 -20.32
C ASP A 169 -1.27 -13.23 -20.04
N TYR A 170 -1.55 -12.00 -20.47
CA TYR A 170 -0.62 -10.89 -20.28
C TYR A 170 -0.14 -10.84 -18.83
N VAL A 171 -1.06 -11.07 -17.90
CA VAL A 171 -0.72 -11.03 -16.49
C VAL A 171 0.19 -12.18 -16.09
N LYS A 172 -0.04 -13.37 -16.62
CA LYS A 172 0.77 -14.52 -16.28
C LYS A 172 2.20 -14.40 -16.76
N SER A 173 2.39 -13.76 -17.92
CA SER A 173 3.71 -13.59 -18.48
C SER A 173 4.48 -12.54 -17.68
N LEU A 174 3.78 -11.47 -17.31
CA LEU A 174 4.37 -10.38 -16.52
C LEU A 174 4.88 -10.92 -15.19
N VAL A 175 4.09 -11.74 -14.53
CA VAL A 175 4.50 -12.32 -13.25
C VAL A 175 5.64 -13.29 -13.52
N GLU A 176 5.54 -14.01 -14.64
CA GLU A 176 6.56 -14.97 -15.03
C GLU A 176 7.87 -14.19 -15.18
N HIS A 177 7.83 -13.14 -15.99
CA HIS A 177 9.00 -12.30 -16.24
C HIS A 177 9.55 -11.70 -14.95
N LEU A 178 8.66 -11.31 -14.04
CA LEU A 178 9.06 -10.69 -12.78
C LEU A 178 9.77 -11.63 -11.83
N SER A 179 9.42 -12.92 -11.85
CA SER A 179 10.08 -13.88 -10.97
C SER A 179 11.53 -14.08 -11.38
N LYS A 180 11.87 -13.65 -12.59
CA LYS A 180 13.23 -13.77 -13.11
C LYS A 180 14.08 -12.58 -12.66
N GLU A 181 13.41 -11.48 -12.32
CA GLU A 181 14.08 -10.25 -11.87
C GLU A 181 14.33 -10.36 -10.37
N HIS A 182 15.31 -9.61 -9.85
CA HIS A 182 15.61 -9.65 -8.42
C HIS A 182 14.84 -8.60 -7.62
N ILE A 183 13.56 -8.88 -7.39
CA ILE A 183 12.69 -7.99 -6.66
C ILE A 183 12.23 -8.57 -5.33
N GLU A 184 11.79 -7.70 -4.42
CA GLU A 184 11.34 -8.11 -3.08
C GLU A 184 9.91 -8.63 -3.03
N ARG A 185 8.98 -7.88 -3.61
CA ARG A 185 7.58 -8.28 -3.57
C ARG A 185 6.82 -7.85 -4.82
N ILE A 186 5.66 -8.47 -5.01
CA ILE A 186 4.76 -8.13 -6.10
C ILE A 186 3.46 -7.70 -5.44
N PHE A 187 2.95 -6.55 -5.85
CA PHE A 187 1.74 -6.01 -5.30
C PHE A 187 0.61 -6.28 -6.28
N LEU A 188 -0.51 -6.76 -5.74
CA LEU A 188 -1.70 -7.07 -6.55
C LEU A 188 -2.77 -6.07 -6.13
N PRO A 189 -2.84 -4.93 -6.82
CA PRO A 189 -3.83 -3.92 -6.48
C PRO A 189 -5.13 -4.00 -7.26
N ASP A 190 -6.22 -3.69 -6.57
CA ASP A 190 -7.53 -3.67 -7.20
C ASP A 190 -7.68 -2.19 -7.50
N THR A 191 -6.72 -1.65 -8.25
CA THR A 191 -6.68 -0.25 -8.62
C THR A 191 -8.02 0.51 -8.70
N LEU A 192 -8.97 -0.03 -9.44
CA LEU A 192 -10.28 0.63 -9.61
C LEU A 192 -11.34 0.14 -8.62
N GLY A 193 -10.92 -0.68 -7.65
CA GLY A 193 -11.81 -1.20 -6.62
C GLY A 193 -13.06 -1.86 -7.16
N VAL A 194 -12.87 -2.86 -8.01
CA VAL A 194 -13.98 -3.54 -8.65
C VAL A 194 -14.16 -5.00 -8.24
N LEU A 195 -13.22 -5.55 -7.49
CA LEU A 195 -13.33 -6.96 -7.10
C LEU A 195 -14.27 -7.29 -5.95
N SER A 196 -14.89 -8.46 -6.02
CA SER A 196 -15.76 -8.96 -4.97
C SER A 196 -14.81 -9.91 -4.24
N PRO A 197 -15.11 -10.27 -2.99
CA PRO A 197 -14.21 -11.18 -2.29
C PRO A 197 -13.92 -12.47 -3.03
N GLU A 198 -14.91 -12.98 -3.75
CA GLU A 198 -14.74 -14.20 -4.53
C GLU A 198 -13.60 -14.01 -5.52
N GLU A 199 -13.74 -13.01 -6.37
CA GLU A 199 -12.74 -12.71 -7.39
C GLU A 199 -11.37 -12.45 -6.78
N THR A 200 -11.33 -11.71 -5.68
CA THR A 200 -10.07 -11.42 -5.03
C THR A 200 -9.40 -12.73 -4.65
N PHE A 201 -10.20 -13.69 -4.19
CA PHE A 201 -9.63 -14.99 -3.82
C PHE A 201 -9.17 -15.75 -5.05
N GLN A 202 -9.91 -15.62 -6.14
CA GLN A 202 -9.55 -16.31 -7.39
C GLN A 202 -8.21 -15.76 -7.90
N GLY A 203 -8.19 -14.46 -8.20
CA GLY A 203 -6.98 -13.84 -8.70
C GLY A 203 -5.74 -14.10 -7.86
N VAL A 204 -5.85 -13.93 -6.55
CA VAL A 204 -4.69 -14.14 -5.69
C VAL A 204 -4.29 -15.61 -5.70
N ASP A 205 -5.28 -16.50 -5.66
CA ASP A 205 -5.01 -17.93 -5.67
C ASP A 205 -4.33 -18.38 -6.97
N SER A 206 -4.70 -17.72 -8.07
CA SER A 206 -4.13 -18.02 -9.38
C SER A 206 -2.61 -17.82 -9.39
N LEU A 207 -2.14 -16.75 -8.77
CA LEU A 207 -0.70 -16.46 -8.75
C LEU A 207 0.05 -17.12 -7.61
N ILE A 208 -0.54 -17.22 -6.42
CA ILE A 208 0.17 -17.83 -5.31
C ILE A 208 0.45 -19.31 -5.56
N GLN A 209 -0.46 -19.99 -6.26
CA GLN A 209 -0.25 -21.40 -6.54
C GLN A 209 0.88 -21.63 -7.53
N LYS A 210 0.96 -20.79 -8.56
CA LYS A 210 2.01 -20.92 -9.56
C LYS A 210 3.39 -20.57 -8.96
N TYR A 211 3.49 -19.46 -8.25
CA TYR A 211 4.74 -19.05 -7.65
C TYR A 211 4.62 -19.05 -6.11
N PRO A 212 4.64 -20.24 -5.50
CA PRO A 212 4.52 -20.40 -4.04
C PRO A 212 5.65 -19.82 -3.19
N ASP A 213 6.70 -19.34 -3.83
CA ASP A 213 7.83 -18.78 -3.10
C ASP A 213 7.98 -17.27 -3.27
N ILE A 214 6.95 -16.63 -3.82
CA ILE A 214 6.98 -15.19 -4.01
C ILE A 214 6.18 -14.52 -2.90
N HIS A 215 6.49 -13.26 -2.63
CA HIS A 215 5.81 -12.49 -1.62
C HIS A 215 4.82 -11.54 -2.30
N PHE A 216 3.55 -11.91 -2.30
CA PHE A 216 2.51 -11.08 -2.90
C PHE A 216 1.78 -10.35 -1.79
N GLU A 217 1.32 -9.15 -2.09
CA GLU A 217 0.55 -8.38 -1.13
C GLU A 217 -0.67 -7.85 -1.84
N PHE A 218 -1.80 -7.79 -1.14
CA PHE A 218 -3.01 -7.26 -1.74
C PHE A 218 -3.10 -5.77 -1.38
N HIS A 219 -3.67 -4.98 -2.29
CA HIS A 219 -3.82 -3.54 -2.13
C HIS A 219 -5.17 -3.20 -2.72
N GLY A 220 -6.22 -3.31 -1.92
CA GLY A 220 -7.55 -3.03 -2.43
C GLY A 220 -8.05 -1.61 -2.25
N HIS A 221 -9.09 -1.26 -3.00
CA HIS A 221 -9.73 0.04 -2.91
C HIS A 221 -11.17 -0.18 -2.49
N ASN A 222 -11.72 0.79 -1.77
CA ASN A 222 -13.06 0.67 -1.20
C ASN A 222 -14.30 1.13 -1.98
N ASP A 223 -14.24 1.15 -3.30
CA ASP A 223 -15.38 1.63 -4.10
C ASP A 223 -16.72 0.97 -3.84
N TYR A 224 -16.69 -0.30 -3.43
CA TYR A 224 -17.93 -1.02 -3.12
C TYR A 224 -18.03 -1.35 -1.63
N ASP A 225 -17.13 -0.77 -0.83
CA ASP A 225 -17.12 -1.04 0.60
C ASP A 225 -16.85 -2.54 0.84
N LEU A 226 -15.91 -3.08 0.06
CA LEU A 226 -15.53 -4.49 0.14
C LEU A 226 -14.03 -4.66 0.36
N SER A 227 -13.31 -3.54 0.40
CA SER A 227 -11.88 -3.58 0.57
C SER A 227 -11.41 -4.44 1.74
N VAL A 228 -11.97 -4.27 2.94
CA VAL A 228 -11.45 -5.10 4.02
C VAL A 228 -11.88 -6.55 3.83
N ALA A 229 -13.10 -6.76 3.30
CA ALA A 229 -13.58 -8.10 3.02
C ALA A 229 -12.64 -8.74 1.98
N ASN A 230 -12.39 -8.03 0.88
CA ASN A 230 -11.48 -8.52 -0.17
C ASN A 230 -10.16 -8.88 0.48
N SER A 231 -9.68 -7.99 1.33
CA SER A 231 -8.41 -8.19 2.00
C SER A 231 -8.39 -9.47 2.81
N LEU A 232 -9.54 -9.89 3.33
CA LEU A 232 -9.60 -11.11 4.10
C LEU A 232 -9.46 -12.33 3.18
N GLN A 233 -10.05 -12.25 2.00
CA GLN A 233 -9.96 -13.35 1.06
C GLN A 233 -8.52 -13.45 0.58
N ALA A 234 -7.89 -12.31 0.31
CA ALA A 234 -6.50 -12.28 -0.13
C ALA A 234 -5.64 -13.03 0.88
N ILE A 235 -5.97 -12.87 2.16
CA ILE A 235 -5.21 -13.55 3.20
C ILE A 235 -5.39 -15.05 3.10
N ARG A 236 -6.57 -15.51 2.69
CA ARG A 236 -6.80 -16.94 2.54
C ARG A 236 -6.08 -17.48 1.30
N ALA A 237 -6.16 -16.74 0.20
CA ALA A 237 -5.52 -17.13 -1.06
C ALA A 237 -4.00 -17.20 -0.99
N GLY A 238 -3.40 -16.85 0.15
CA GLY A 238 -1.96 -16.93 0.27
C GLY A 238 -1.11 -15.69 0.49
N VAL A 239 -1.66 -14.50 0.27
CA VAL A 239 -0.91 -13.25 0.44
C VAL A 239 -0.13 -13.17 1.77
N LYS A 240 1.03 -12.51 1.73
CA LYS A 240 1.87 -12.35 2.91
C LYS A 240 1.91 -10.92 3.44
N GLY A 241 1.27 -10.02 2.70
CA GLY A 241 1.24 -8.62 3.11
C GLY A 241 -0.01 -7.92 2.60
N LEU A 242 -0.35 -6.79 3.21
CA LEU A 242 -1.52 -6.03 2.79
C LEU A 242 -1.26 -4.53 2.83
N HIS A 243 -1.92 -3.80 1.92
CA HIS A 243 -1.80 -2.35 1.83
C HIS A 243 -3.04 -1.70 2.44
N ALA A 244 -2.91 -0.48 2.96
CA ALA A 244 -4.06 0.21 3.56
C ALA A 244 -3.74 1.65 3.93
N SER A 245 -4.77 2.43 4.23
CA SER A 245 -4.56 3.80 4.62
C SER A 245 -5.45 4.21 5.79
N ILE A 246 -4.88 5.17 6.64
CA ILE A 246 -5.60 5.62 7.83
C ILE A 246 -6.88 6.32 7.38
N ASN A 247 -8.00 5.90 7.95
CA ASN A 247 -9.29 6.49 7.62
C ASN A 247 -9.64 6.23 6.17
N GLY A 248 -9.00 5.23 5.58
CA GLY A 248 -9.30 4.95 4.19
C GLY A 248 -9.00 6.14 3.28
N LEU A 249 -8.13 7.02 3.85
CA LEU A 249 -7.78 8.13 2.96
C LEU A 249 -7.31 7.63 1.59
N GLY A 250 -7.62 8.35 0.56
CA GLY A 250 -7.18 7.89 -0.74
C GLY A 250 -7.97 8.65 -1.84
N GLU A 251 -8.06 8.05 -3.20
CA GLU A 251 -8.28 8.95 -4.33
C GLU A 251 -9.77 9.07 -4.65
N ARG A 252 -10.42 7.93 -4.65
CA ARG A 252 -11.88 7.90 -4.70
C ARG A 252 -12.48 7.70 -3.32
N ALA A 253 -13.01 6.41 -3.30
CA ALA A 253 -13.47 5.93 -2.01
C ALA A 253 -12.30 5.64 -1.08
N GLY A 254 -11.09 5.83 -1.61
CA GLY A 254 -9.91 5.59 -0.81
C GLY A 254 -9.44 4.15 -0.81
N ASN A 255 -8.34 3.91 -0.08
CA ASN A 255 -7.76 2.58 0.05
C ASN A 255 -8.46 1.79 1.15
N THR A 256 -8.05 0.54 1.32
CA THR A 256 -8.60 -0.27 2.38
C THR A 256 -8.35 0.50 3.67
N PRO A 257 -9.38 0.64 4.53
CA PRO A 257 -9.26 1.37 5.79
C PRO A 257 -8.44 0.59 6.81
N LEU A 258 -7.24 1.09 7.09
CA LEU A 258 -6.29 0.47 8.01
C LEU A 258 -6.90 0.08 9.35
N GLU A 259 -7.59 1.02 9.99
CA GLU A 259 -8.17 0.74 11.30
C GLU A 259 -9.13 -0.46 11.30
N ALA A 260 -9.94 -0.60 10.27
CA ALA A 260 -10.87 -1.72 10.23
C ALA A 260 -10.20 -3.02 9.77
N LEU A 261 -9.20 -2.89 8.90
CA LEU A 261 -8.48 -4.04 8.36
C LEU A 261 -7.77 -4.81 9.48
N VAL A 262 -6.95 -4.08 10.23
CA VAL A 262 -6.19 -4.67 11.33
C VAL A 262 -7.08 -5.33 12.37
N THR A 263 -8.10 -4.59 12.81
CA THR A 263 -9.01 -5.12 13.81
C THR A 263 -9.66 -6.40 13.28
N THR A 264 -10.17 -6.34 12.06
CA THR A 264 -10.79 -7.53 11.49
C THR A 264 -9.80 -8.69 11.38
N ILE A 265 -8.57 -8.42 10.94
CA ILE A 265 -7.55 -9.47 10.82
C ILE A 265 -7.32 -10.12 12.18
N HIS A 266 -7.11 -9.29 13.19
CA HIS A 266 -6.87 -9.80 14.53
C HIS A 266 -8.02 -10.62 15.12
N ASP A 267 -9.27 -10.21 14.89
CA ASP A 267 -10.40 -10.92 15.48
C ASP A 267 -11.14 -11.90 14.61
N LYS A 268 -11.06 -11.73 13.29
CA LYS A 268 -11.82 -12.60 12.41
C LYS A 268 -10.96 -13.48 11.51
N SER A 269 -9.69 -13.58 11.84
CA SER A 269 -8.77 -14.41 11.07
C SER A 269 -7.70 -14.98 11.98
N ASN A 270 -7.11 -16.09 11.57
CA ASN A 270 -6.08 -16.72 12.37
C ASN A 270 -4.70 -16.10 12.13
N SER A 271 -4.62 -15.15 11.20
CA SER A 271 -3.35 -14.48 10.92
C SER A 271 -3.20 -13.35 11.92
N LYS A 272 -1.99 -12.80 12.03
CA LYS A 272 -1.76 -11.70 12.96
C LYS A 272 -1.04 -10.53 12.32
N THR A 273 -0.74 -9.53 13.14
CA THR A 273 -0.08 -8.33 12.68
C THR A 273 0.74 -7.74 13.82
N ASN A 274 1.69 -6.89 13.49
CA ASN A 274 2.53 -6.27 14.51
C ASN A 274 2.03 -4.89 14.91
N ILE A 275 0.91 -4.49 14.33
CA ILE A 275 0.31 -3.19 14.63
C ILE A 275 -0.15 -3.13 16.08
N ASN A 276 0.17 -2.04 16.76
CA ASN A 276 -0.25 -1.84 18.15
C ASN A 276 -1.62 -1.17 18.11
N GLU A 277 -2.66 -1.95 18.36
CA GLU A 277 -4.03 -1.44 18.35
C GLU A 277 -4.25 -0.17 19.14
N ILE A 278 -3.57 -0.06 20.28
CA ILE A 278 -3.71 1.09 21.18
C ILE A 278 -3.33 2.45 20.57
N ALA A 279 -2.63 2.43 19.44
CA ALA A 279 -2.24 3.67 18.79
C ALA A 279 -3.19 3.99 17.64
N ILE A 280 -4.11 3.07 17.35
CA ILE A 280 -5.05 3.24 16.25
C ILE A 280 -5.88 4.52 16.32
N THR A 281 -6.44 4.84 17.48
CA THR A 281 -7.25 6.03 17.58
C THR A 281 -6.45 7.30 17.33
N GLU A 282 -5.27 7.42 17.94
CA GLU A 282 -4.47 8.62 17.73
C GLU A 282 -4.05 8.76 16.25
N ALA A 283 -3.70 7.65 15.62
CA ALA A 283 -3.30 7.69 14.22
C ALA A 283 -4.41 8.31 13.39
N SER A 284 -5.64 7.88 13.64
CA SER A 284 -6.80 8.39 12.93
C SER A 284 -7.02 9.89 13.14
N ARG A 285 -7.03 10.32 14.40
CA ARG A 285 -7.24 11.72 14.73
C ARG A 285 -6.15 12.48 14.03
N LEU A 286 -4.96 11.93 14.14
CA LEU A 286 -3.78 12.51 13.53
C LEU A 286 -3.98 12.81 12.04
N VAL A 287 -4.19 11.80 11.20
CA VAL A 287 -4.32 12.10 9.78
C VAL A 287 -5.59 12.86 9.42
N GLU A 288 -6.63 12.73 10.24
CA GLU A 288 -7.85 13.48 9.96
C GLU A 288 -7.56 14.97 10.02
N VAL A 289 -6.95 15.40 11.12
CA VAL A 289 -6.62 16.80 11.31
C VAL A 289 -5.66 17.31 10.23
N PHE A 290 -4.50 16.67 10.10
CA PHE A 290 -3.53 17.09 9.10
C PHE A 290 -4.03 17.01 7.66
N SER A 291 -4.83 15.99 7.33
CA SER A 291 -5.32 15.85 5.97
C SER A 291 -6.44 16.83 5.65
N GLY A 292 -7.21 17.17 6.67
CA GLY A 292 -8.33 18.07 6.46
C GLY A 292 -9.54 17.34 5.91
N LYS A 293 -9.57 16.01 6.01
CA LYS A 293 -10.71 15.24 5.52
C LYS A 293 -11.42 14.64 6.73
N ARG A 294 -12.63 15.12 7.00
CA ARG A 294 -13.40 14.64 8.14
C ARG A 294 -13.89 13.21 7.96
N ILE A 295 -13.97 12.47 9.06
CA ILE A 295 -14.50 11.11 9.02
C ILE A 295 -15.86 11.18 9.67
N SER A 296 -16.78 10.30 9.28
CA SER A 296 -18.10 10.33 9.88
C SER A 296 -18.02 9.84 11.34
N ALA A 297 -18.98 10.24 12.16
CA ALA A 297 -19.00 9.85 13.57
C ALA A 297 -19.28 8.37 13.78
N ASN A 298 -19.79 7.71 12.75
CA ASN A 298 -20.10 6.28 12.81
C ASN A 298 -19.00 5.48 12.10
N ARG A 299 -17.81 6.05 11.98
CA ARG A 299 -16.77 5.33 11.28
C ARG A 299 -16.32 4.12 12.08
N PRO A 300 -16.40 2.93 11.48
CA PRO A 300 -15.99 1.72 12.17
C PRO A 300 -14.71 1.90 12.97
N ILE A 301 -14.71 1.36 14.18
CA ILE A 301 -13.54 1.36 15.04
C ILE A 301 -12.94 2.70 15.48
N VAL A 302 -13.11 3.72 14.66
CA VAL A 302 -12.49 5.00 14.93
C VAL A 302 -13.44 6.19 15.05
N GLY A 303 -14.69 6.00 14.63
CA GLY A 303 -15.66 7.07 14.70
C GLY A 303 -15.96 7.54 16.10
N GLU A 304 -16.27 8.82 16.23
CA GLU A 304 -16.60 9.45 17.50
C GLU A 304 -17.71 8.69 18.24
N ASP A 305 -18.84 8.42 17.56
CA ASP A 305 -20.00 7.83 18.14
C ASP A 305 -19.89 6.32 18.21
N VAL A 306 -18.82 5.64 17.77
CA VAL A 306 -18.65 4.23 17.47
C VAL A 306 -18.94 3.37 18.70
N PHE A 307 -18.59 3.82 19.88
CA PHE A 307 -18.54 2.93 21.04
C PHE A 307 -19.84 3.00 21.82
N THR A 308 -20.70 3.79 21.51
CA THR A 308 -21.85 4.02 22.37
C THR A 308 -23.15 3.65 21.66
N ASN A 322 -23.19 -5.03 30.70
CA ASN A 322 -22.33 -5.77 29.73
C ASN A 322 -23.14 -6.74 28.89
N LEU A 323 -24.46 -6.57 28.89
CA LEU A 323 -25.38 -7.42 28.13
C LEU A 323 -25.10 -7.32 26.64
N TYR A 324 -24.64 -6.14 26.21
CA TYR A 324 -24.34 -5.87 24.81
C TYR A 324 -22.85 -5.62 24.65
N ALA A 325 -22.06 -6.67 24.88
CA ALA A 325 -20.61 -6.58 24.78
C ALA A 325 -20.06 -6.90 23.39
N ASN A 326 -19.48 -5.90 22.75
CA ASN A 326 -18.88 -6.04 21.43
C ASN A 326 -17.36 -6.10 21.64
N PRO A 327 -16.69 -7.08 21.00
CA PRO A 327 -15.24 -7.24 21.11
C PRO A 327 -14.46 -5.95 20.87
N ILE A 328 -15.08 -5.02 20.16
CA ILE A 328 -14.45 -3.74 19.83
C ILE A 328 -14.66 -2.72 20.95
N LEU A 329 -13.74 -2.72 21.91
CA LEU A 329 -13.82 -1.81 23.06
C LEU A 329 -12.91 -0.59 22.92
N PRO A 330 -13.39 0.59 23.37
CA PRO A 330 -12.68 1.87 23.31
C PRO A 330 -11.26 1.93 23.86
N GLU A 331 -11.04 1.31 25.02
CA GLU A 331 -9.71 1.31 25.63
C GLU A 331 -8.76 0.41 24.83
N ARG A 332 -9.34 -0.49 24.05
CA ARG A 332 -8.56 -1.41 23.23
C ARG A 332 -7.80 -0.62 22.17
N PHE A 333 -8.36 0.52 21.76
CA PHE A 333 -7.74 1.35 20.74
C PHE A 333 -7.24 2.69 21.26
N GLY A 334 -6.87 2.70 22.54
CA GLY A 334 -6.35 3.91 23.16
C GLY A 334 -7.36 5.01 23.39
N ARG A 335 -8.60 4.63 23.66
CA ARG A 335 -9.68 5.59 23.90
C ARG A 335 -10.41 5.31 25.23
N LYS A 336 -11.23 6.27 25.65
CA LYS A 336 -12.01 6.19 26.89
C LYS A 336 -11.20 5.57 28.04
N ARG A 337 -10.00 6.07 28.26
CA ARG A 337 -9.17 5.55 29.33
C ARG A 337 -7.89 4.90 28.84
ZN ZN B . -3.99 2.47 -5.09
C PYR C . -2.90 1.07 -7.63
O PYR C . -4.04 1.33 -7.19
OXT PYR C . -2.68 0.30 -8.59
CA PYR C . -1.68 1.76 -6.99
O3 PYR C . -1.85 2.64 -6.14
CB PYR C . -0.40 1.37 -7.37
#